data_1KC1
#
_entry.id   1KC1
#
_cell.length_a   47.723
_cell.length_b   72.471
_cell.length_c   82.728
_cell.angle_alpha   90.00
_cell.angle_beta   90.00
_cell.angle_gamma   90.00
#
_symmetry.space_group_name_H-M   'P 21 21 2'
#
loop_
_entity.id
_entity.type
_entity.pdbx_description
1 polymer 'dTDP-glucose oxidoreductase'
2 non-polymer 'MAGNESIUM ION'
3 non-polymer 'SULFATE ION'
4 non-polymer 'NADPH DIHYDRO-NICOTINAMIDE-ADENINE-DINUCLEOTIDE PHOSPHATE'
5 water water
#
_entity_poly.entity_id   1
_entity_poly.type   'polypeptide(L)'
_entity_poly.pdbx_seq_one_letter_code
;MNILLFGKTGQVGWELQRSLAPVGNLIALDVHSKEFCGDFSNPKGVAETVRKLRPDVIVNAAAHTAVDKAESEPELAQLL
NATSVEAIAKAANETGAWVVHYSTDYVFPGTGDIPWQETDATSPLNVYGKTKLAGEKALQDNCPKHLIFRTSWVYAGKGN
NFAKTMLRLAKERQTLSVINDQYGAPTGAELLADCTAHAIRVALNKPEVAGLYHLVAGGTTTWHDYAALVFDEARKAGIT
LALTELNAVPTSAYPTPASRPGNSRLNTEKFQRNFDLILPQWELGVKRMLTEMFTTTTI
;
_entity_poly.pdbx_strand_id   A
#
loop_
_chem_comp.id
_chem_comp.type
_chem_comp.name
_chem_comp.formula
MG non-polymer 'MAGNESIUM ION' 'Mg 2'
NDP non-polymer 'NADPH DIHYDRO-NICOTINAMIDE-ADENINE-DINUCLEOTIDE PHOSPHATE' 'C21 H30 N7 O17 P3'
SO4 non-polymer 'SULFATE ION' 'O4 S -2'
#
# COMPACT_ATOMS: atom_id res chain seq x y z
N MET A 1 -4.16 20.62 -16.23
CA MET A 1 -4.20 19.13 -16.15
C MET A 1 -4.81 18.54 -14.87
N ASN A 2 -5.82 17.71 -15.04
CA ASN A 2 -6.65 17.19 -13.97
C ASN A 2 -6.39 15.80 -13.53
N ILE A 3 -6.36 15.64 -12.22
CA ILE A 3 -6.09 14.38 -11.56
C ILE A 3 -7.29 13.88 -10.79
N LEU A 4 -7.62 12.61 -10.97
CA LEU A 4 -8.75 12.00 -10.27
C LEU A 4 -8.22 10.99 -9.24
N LEU A 5 -8.65 11.15 -8.00
CA LEU A 5 -8.16 10.24 -6.96
C LEU A 5 -9.28 9.50 -6.19
N PHE A 6 -9.23 8.17 -6.23
CA PHE A 6 -10.21 7.39 -5.47
C PHE A 6 -9.48 6.87 -4.19
N GLY A 7 -10.22 6.75 -3.10
CA GLY A 7 -9.74 6.14 -1.87
C GLY A 7 -9.09 7.23 -1.09
N LYS A 8 -9.76 8.39 -1.04
CA LYS A 8 -9.14 9.58 -0.52
C LYS A 8 -8.89 9.48 0.93
N THR A 9 -9.71 8.76 1.64
CA THR A 9 -9.60 8.74 3.07
C THR A 9 -8.82 7.54 3.52
N GLY A 10 -8.10 6.80 2.69
CA GLY A 10 -7.26 5.74 3.23
C GLY A 10 -5.91 6.24 3.76
N GLN A 11 -5.10 5.37 4.32
CA GLN A 11 -3.74 5.68 4.67
C GLN A 11 -3.01 6.33 3.52
N VAL A 12 -2.81 5.65 2.42
CA VAL A 12 -2.07 6.26 1.29
C VAL A 12 -2.83 7.45 0.65
N GLY A 13 -4.11 7.31 0.58
CA GLY A 13 -4.93 8.36 0.00
C GLY A 13 -4.94 9.63 0.77
N TRP A 14 -4.93 9.56 2.07
CA TRP A 14 -4.84 10.79 2.82
C TRP A 14 -3.54 11.59 2.48
N GLU A 15 -2.42 10.90 2.31
CA GLU A 15 -1.15 11.51 1.96
C GLU A 15 -1.11 11.92 0.49
N LEU A 16 -1.81 11.16 -0.40
CA LEU A 16 -1.92 11.59 -1.79
C LEU A 16 -2.77 12.86 -1.98
N GLN A 17 -3.65 13.19 -1.06
CA GLN A 17 -4.35 14.47 -1.22
C GLN A 17 -3.36 15.57 -1.10
N ARG A 18 -2.44 15.41 -0.15
CA ARG A 18 -1.26 16.32 -0.03
C ARG A 18 -0.38 16.25 -1.26
N SER A 19 0.14 15.12 -1.64
CA SER A 19 1.21 15.12 -2.66
C SER A 19 0.78 15.42 -4.01
N LEU A 20 -0.46 15.04 -4.42
CA LEU A 20 -0.90 15.32 -5.80
C LEU A 20 -1.42 16.75 -5.99
N ALA A 21 -1.65 17.47 -4.93
CA ALA A 21 -2.21 18.85 -4.98
C ALA A 21 -1.49 19.90 -5.85
N PRO A 22 -0.19 19.96 -5.93
CA PRO A 22 0.46 20.83 -6.90
C PRO A 22 0.74 20.25 -8.29
N VAL A 23 0.65 18.94 -8.45
CA VAL A 23 0.94 18.24 -9.72
C VAL A 23 -0.03 18.57 -10.78
N GLY A 24 -1.25 18.67 -10.34
CA GLY A 24 -2.34 19.17 -11.16
C GLY A 24 -3.60 19.41 -10.38
N ASN A 25 -4.57 20.05 -10.99
CA ASN A 25 -5.89 20.19 -10.44
C ASN A 25 -6.48 18.84 -9.93
N LEU A 26 -6.66 18.76 -8.64
CA LEU A 26 -7.06 17.51 -8.03
C LEU A 26 -8.53 17.41 -7.68
N ILE A 27 -9.14 16.29 -8.01
CA ILE A 27 -10.47 15.97 -7.55
C ILE A 27 -10.38 14.66 -6.75
N ALA A 28 -10.71 14.73 -5.46
CA ALA A 28 -10.50 13.59 -4.56
C ALA A 28 -11.79 13.02 -4.04
N LEU A 29 -12.01 11.71 -4.15
CA LEU A 29 -13.26 11.08 -3.72
C LEU A 29 -13.06 9.83 -2.88
N ASP A 30 -14.16 9.38 -2.25
CA ASP A 30 -14.26 8.14 -1.48
C ASP A 30 -15.72 7.49 -1.54
N VAL A 31 -16.02 6.41 -0.81
CA VAL A 31 -17.37 5.78 -0.86
C VAL A 31 -18.53 6.75 -0.67
N HIS A 32 -18.41 7.58 0.36
CA HIS A 32 -19.45 8.54 0.71
C HIS A 32 -19.39 9.81 -0.07
N SER A 33 -18.64 9.84 -1.19
CA SER A 33 -18.65 11.06 -2.01
C SER A 33 -20.10 11.13 -2.52
N LYS A 34 -20.76 12.22 -2.17
CA LYS A 34 -22.17 12.46 -2.41
C LYS A 34 -22.43 12.96 -3.82
N GLU A 35 -21.67 13.94 -4.28
CA GLU A 35 -21.92 14.55 -5.59
C GLU A 35 -21.19 13.82 -6.76
N PHE A 36 -20.39 12.80 -6.43
CA PHE A 36 -19.73 11.92 -7.43
C PHE A 36 -19.58 10.49 -6.89
N CYS A 37 -19.94 9.47 -7.67
CA CYS A 37 -19.81 8.09 -7.17
C CYS A 37 -18.41 7.58 -7.06
N GLY A 38 -18.02 7.29 -5.83
CA GLY A 38 -16.75 6.66 -5.53
C GLY A 38 -16.80 5.27 -4.91
N ASP A 39 -17.98 4.66 -4.80
CA ASP A 39 -18.14 3.29 -4.23
C ASP A 39 -17.75 2.16 -5.21
N PHE A 40 -16.57 1.60 -5.00
CA PHE A 40 -16.00 0.52 -5.81
C PHE A 40 -16.84 -0.74 -5.85
N SER A 41 -17.97 -0.76 -5.17
CA SER A 41 -18.92 -1.85 -5.34
C SER A 41 -19.61 -1.77 -6.71
N ASN A 42 -20.02 -0.56 -7.06
CA ASN A 42 -20.72 -0.28 -8.31
C ASN A 42 -19.69 0.13 -9.42
N PRO A 43 -19.13 -0.82 -10.16
CA PRO A 43 -18.03 -0.56 -11.09
C PRO A 43 -18.43 0.26 -12.29
N LYS A 44 -19.67 0.11 -12.72
CA LYS A 44 -20.16 0.96 -13.78
C LYS A 44 -20.43 2.32 -13.13
N GLY A 45 -20.51 2.35 -11.81
CA GLY A 45 -20.73 3.61 -11.09
C GLY A 45 -19.46 4.44 -11.01
N VAL A 46 -18.35 3.81 -10.65
CA VAL A 46 -17.09 4.48 -10.62
C VAL A 46 -16.71 4.85 -12.04
N ALA A 47 -16.93 3.92 -12.97
CA ALA A 47 -16.56 4.13 -14.36
C ALA A 47 -17.26 5.35 -14.96
N GLU A 48 -18.53 5.54 -14.63
CA GLU A 48 -19.28 6.72 -15.09
C GLU A 48 -18.72 8.05 -14.58
N THR A 49 -18.01 8.04 -13.44
CA THR A 49 -17.40 9.26 -12.92
C THR A 49 -16.09 9.57 -13.70
N VAL A 50 -15.32 8.53 -14.02
CA VAL A 50 -14.17 8.65 -14.92
C VAL A 50 -14.60 9.27 -16.23
N ARG A 51 -15.67 8.75 -16.82
CA ARG A 51 -16.18 9.30 -18.07
C ARG A 51 -16.82 10.68 -17.88
N LYS A 52 -17.56 10.89 -16.79
CA LYS A 52 -18.15 12.22 -16.47
C LYS A 52 -17.13 13.33 -15.99
N LEU A 53 -15.94 12.93 -15.49
CA LEU A 53 -14.87 13.89 -15.06
C LEU A 53 -13.71 14.10 -16.06
N ARG A 54 -13.42 13.12 -16.90
CA ARG A 54 -12.42 13.22 -17.99
C ARG A 54 -10.99 13.54 -17.61
N PRO A 55 -10.43 12.83 -16.64
CA PRO A 55 -9.14 13.19 -16.06
C PRO A 55 -7.95 12.80 -16.89
N ASP A 56 -6.85 13.51 -16.74
CA ASP A 56 -5.61 13.14 -17.44
C ASP A 56 -4.91 12.02 -16.71
N VAL A 57 -4.99 11.99 -15.39
CA VAL A 57 -4.36 10.93 -14.61
C VAL A 57 -5.36 10.43 -13.57
N ILE A 58 -5.56 9.11 -13.49
CA ILE A 58 -6.37 8.49 -12.41
C ILE A 58 -5.45 7.77 -11.43
N VAL A 59 -5.67 8.01 -10.13
CA VAL A 59 -4.82 7.43 -9.13
C VAL A 59 -5.76 6.72 -8.23
N ASN A 60 -5.59 5.40 -8.12
CA ASN A 60 -6.51 4.55 -7.39
C ASN A 60 -5.98 4.05 -6.06
N ALA A 61 -6.34 4.73 -4.99
CA ALA A 61 -5.96 4.25 -3.68
C ALA A 61 -7.11 3.58 -2.96
N ALA A 62 -8.24 3.35 -3.61
CA ALA A 62 -9.35 2.67 -2.93
C ALA A 62 -9.13 1.22 -3.12
N ALA A 63 -9.29 0.41 -2.08
CA ALA A 63 -9.14 -1.05 -2.18
C ALA A 63 -9.67 -1.84 -0.97
N HIS A 64 -9.97 -3.11 -1.16
CA HIS A 64 -10.36 -4.03 -0.05
C HIS A 64 -9.01 -4.51 0.46
N THR A 65 -8.74 -4.26 1.76
CA THR A 65 -7.44 -4.51 2.39
C THR A 65 -7.53 -5.27 3.72
N ALA A 66 -8.72 -5.78 4.01
CA ALA A 66 -8.95 -6.68 5.11
C ALA A 66 -8.58 -8.13 4.61
N VAL A 67 -7.30 -8.50 4.74
CA VAL A 67 -6.67 -9.73 4.22
C VAL A 67 -7.41 -11.01 4.63
N ASP A 68 -7.79 -11.10 5.90
CA ASP A 68 -8.47 -12.27 6.46
C ASP A 68 -9.94 -12.36 6.13
N LYS A 69 -10.65 -11.25 6.36
CA LYS A 69 -12.10 -11.19 6.15
C LYS A 69 -12.32 -11.63 4.70
N ALA A 70 -11.42 -11.16 3.82
CA ALA A 70 -11.38 -11.51 2.39
C ALA A 70 -11.63 -13.00 2.08
N GLU A 71 -11.05 -13.88 2.88
CA GLU A 71 -11.24 -15.30 2.64
C GLU A 71 -12.72 -15.62 2.86
N SER A 72 -13.31 -15.11 3.94
CA SER A 72 -14.76 -15.32 4.17
C SER A 72 -15.65 -14.57 3.14
N GLU A 73 -15.16 -13.46 2.55
CA GLU A 73 -15.93 -12.69 1.54
C GLU A 73 -15.10 -12.53 0.23
N PRO A 74 -14.82 -13.65 -0.45
CA PRO A 74 -13.92 -13.66 -1.62
C PRO A 74 -14.46 -12.96 -2.84
N GLU A 75 -15.76 -13.01 -3.02
CA GLU A 75 -16.39 -12.41 -4.17
C GLU A 75 -16.46 -10.86 -3.97
N LEU A 76 -16.63 -10.38 -2.73
CA LEU A 76 -16.63 -8.92 -2.46
C LEU A 76 -15.24 -8.29 -2.69
N ALA A 77 -14.20 -9.01 -2.30
CA ALA A 77 -12.81 -8.65 -2.60
C ALA A 77 -12.53 -8.62 -4.10
N GLN A 78 -13.04 -9.60 -4.85
CA GLN A 78 -12.86 -9.62 -6.30
C GLN A 78 -13.42 -8.35 -6.95
N LEU A 79 -14.65 -8.01 -6.58
CA LEU A 79 -15.33 -6.81 -7.06
C LEU A 79 -14.42 -5.55 -6.89
N LEU A 80 -13.84 -5.43 -5.69
CA LEU A 80 -13.05 -4.26 -5.26
C LEU A 80 -11.63 -4.24 -5.73
N ASN A 81 -11.01 -5.39 -5.83
CA ASN A 81 -9.64 -5.47 -6.24
C ASN A 81 -9.44 -5.88 -7.71
N ALA A 82 -10.50 -6.26 -8.40
CA ALA A 82 -10.37 -6.67 -9.79
C ALA A 82 -11.50 -6.14 -10.66
N THR A 83 -12.74 -6.39 -10.33
CA THR A 83 -13.83 -5.93 -11.21
C THR A 83 -13.81 -4.42 -11.49
N SER A 84 -13.80 -3.59 -10.45
CA SER A 84 -13.83 -2.14 -10.65
C SER A 84 -12.55 -1.55 -11.23
N VAL A 85 -11.41 -2.24 -11.07
CA VAL A 85 -10.12 -1.84 -11.67
C VAL A 85 -10.19 -2.03 -13.22
N GLU A 86 -10.74 -3.16 -13.63
CA GLU A 86 -10.88 -3.44 -15.05
C GLU A 86 -11.82 -2.36 -15.63
N ALA A 87 -12.94 -2.17 -14.95
CA ALA A 87 -13.93 -1.19 -15.38
C ALA A 87 -13.32 0.19 -15.56
N ILE A 88 -12.53 0.61 -14.56
CA ILE A 88 -11.85 1.90 -14.54
C ILE A 88 -10.76 1.93 -15.63
N ALA A 89 -10.15 0.80 -15.91
CA ALA A 89 -9.05 0.75 -16.87
C ALA A 89 -9.50 1.00 -18.24
N LYS A 90 -10.61 0.32 -18.58
CA LYS A 90 -11.22 0.37 -19.89
C LYS A 90 -11.69 1.79 -20.20
N ALA A 91 -12.30 2.42 -19.20
CA ALA A 91 -12.84 3.78 -19.35
C ALA A 91 -11.73 4.84 -19.50
N ALA A 92 -10.59 4.57 -18.85
CA ALA A 92 -9.41 5.37 -18.96
C ALA A 92 -8.82 5.23 -20.34
N ASN A 93 -8.91 4.03 -20.91
CA ASN A 93 -8.34 3.82 -22.24
C ASN A 93 -9.16 4.50 -23.31
N GLU A 94 -10.42 4.82 -23.01
CA GLU A 94 -11.26 5.54 -23.95
C GLU A 94 -10.71 6.96 -24.20
N THR A 95 -10.09 7.56 -23.20
CA THR A 95 -9.52 8.93 -23.33
C THR A 95 -7.99 9.01 -23.21
N GLY A 96 -7.31 7.87 -23.27
CA GLY A 96 -5.87 7.81 -23.07
C GLY A 96 -5.39 8.46 -21.79
N ALA A 97 -6.10 8.28 -20.69
CA ALA A 97 -5.64 8.77 -19.38
C ALA A 97 -4.61 7.80 -18.74
N TRP A 98 -3.75 8.28 -17.85
CA TRP A 98 -2.91 7.30 -17.15
C TRP A 98 -3.65 6.68 -15.99
N VAL A 99 -3.32 5.44 -15.68
CA VAL A 99 -3.85 4.84 -14.45
C VAL A 99 -2.73 4.41 -13.53
N VAL A 100 -2.79 4.89 -12.29
CA VAL A 100 -1.80 4.60 -11.26
C VAL A 100 -2.53 3.76 -10.26
N HIS A 101 -1.95 2.64 -9.86
CA HIS A 101 -2.63 1.64 -9.06
C HIS A 101 -1.64 0.93 -8.17
N TYR A 102 -2.16 0.41 -7.07
CA TYR A 102 -1.30 -0.17 -6.01
C TYR A 102 -1.62 -1.70 -5.84
N SER A 103 -0.54 -2.45 -5.73
CA SER A 103 -0.64 -3.89 -5.52
C SER A 103 0.16 -4.39 -4.34
N THR A 104 0.55 -5.67 -4.35
CA THR A 104 1.07 -6.19 -3.10
C THR A 104 2.10 -7.28 -3.21
N ASP A 105 2.75 -7.58 -2.10
CA ASP A 105 3.70 -8.65 -2.13
C ASP A 105 2.95 -9.96 -2.07
N TYR A 106 1.67 -9.94 -1.74
CA TYR A 106 0.90 -11.20 -1.61
C TYR A 106 0.58 -11.90 -2.95
N VAL A 107 1.13 -11.38 -4.01
CA VAL A 107 1.07 -11.89 -5.38
C VAL A 107 2.14 -13.00 -5.53
N PHE A 108 3.09 -12.98 -4.60
CA PHE A 108 4.21 -13.95 -4.54
C PHE A 108 4.00 -15.00 -3.40
N PRO A 109 4.67 -16.14 -3.48
CA PRO A 109 4.57 -17.20 -2.48
C PRO A 109 5.39 -16.89 -1.27
N GLY A 110 6.42 -17.60 -0.93
CA GLY A 110 7.14 -17.38 0.31
C GLY A 110 8.25 -18.41 0.21
N THR A 111 9.46 -17.89 0.05
CA THR A 111 10.59 -18.74 -0.26
C THR A 111 11.73 -17.83 0.07
N GLY A 112 12.13 -17.89 1.34
CA GLY A 112 13.07 -16.96 1.94
C GLY A 112 14.39 -16.67 1.28
N ASP A 113 15.11 -15.76 1.92
CA ASP A 113 16.38 -15.21 1.47
C ASP A 113 16.21 -14.20 0.34
N ILE A 114 15.70 -14.69 -0.81
CA ILE A 114 15.68 -13.92 -2.06
C ILE A 114 14.54 -12.94 -2.25
N PRO A 115 14.89 -11.70 -2.53
CA PRO A 115 13.91 -10.64 -2.84
C PRO A 115 13.38 -10.75 -4.30
N TRP A 116 12.05 -10.66 -4.38
CA TRP A 116 11.25 -10.87 -5.57
C TRP A 116 11.29 -9.73 -6.56
N GLN A 117 11.64 -10.03 -7.81
CA GLN A 117 11.62 -9.04 -8.86
C GLN A 117 10.36 -9.08 -9.71
N GLU A 118 10.24 -8.08 -10.58
CA GLU A 118 9.11 -7.85 -11.47
C GLU A 118 8.93 -8.96 -12.48
N THR A 119 10.02 -9.38 -13.12
CA THR A 119 10.02 -10.52 -14.02
C THR A 119 9.75 -11.87 -13.36
N ASP A 120 9.82 -11.96 -12.03
CA ASP A 120 9.52 -13.21 -11.33
C ASP A 120 8.12 -13.75 -11.49
N ALA A 121 7.98 -15.05 -11.30
CA ALA A 121 6.71 -15.75 -11.45
C ALA A 121 5.83 -15.49 -10.25
N THR A 122 4.53 -15.45 -10.47
CA THR A 122 3.62 -15.18 -9.38
C THR A 122 2.71 -16.35 -9.00
N SER A 123 2.63 -16.59 -7.70
CA SER A 123 1.83 -17.68 -7.16
C SER A 123 1.18 -17.21 -5.86
N PRO A 124 0.01 -16.60 -5.96
CA PRO A 124 -0.66 -15.99 -4.80
C PRO A 124 -1.09 -17.00 -3.74
N LEU A 125 -0.72 -16.78 -2.49
CA LEU A 125 -1.01 -17.72 -1.42
C LEU A 125 -2.43 -17.65 -0.89
N ASN A 126 -3.00 -16.45 -0.82
CA ASN A 126 -4.34 -16.24 -0.26
C ASN A 126 -5.27 -15.52 -1.27
N VAL A 127 -6.49 -15.16 -0.86
CA VAL A 127 -7.45 -14.49 -1.73
C VAL A 127 -7.07 -13.02 -2.09
N TYR A 128 -6.66 -12.25 -1.07
CA TYR A 128 -6.24 -10.86 -1.22
C TYR A 128 -5.26 -10.87 -2.38
N GLY A 129 -4.21 -11.67 -2.24
CA GLY A 129 -3.20 -11.73 -3.25
C GLY A 129 -3.82 -12.12 -4.58
N LYS A 130 -4.72 -13.13 -4.57
CA LYS A 130 -5.40 -13.64 -5.76
C LYS A 130 -6.23 -12.57 -6.46
N THR A 131 -7.09 -11.91 -5.70
CA THR A 131 -7.91 -10.84 -6.27
C THR A 131 -7.06 -9.64 -6.81
N LYS A 132 -6.02 -9.26 -6.06
CA LYS A 132 -5.21 -8.11 -6.40
C LYS A 132 -4.41 -8.37 -7.65
N LEU A 133 -3.93 -9.62 -7.76
CA LEU A 133 -3.23 -10.07 -8.99
C LEU A 133 -4.16 -9.91 -10.18
N ALA A 134 -5.41 -10.31 -10.00
CA ALA A 134 -6.41 -10.26 -11.06
C ALA A 134 -6.55 -8.84 -11.52
N GLY A 135 -6.70 -7.94 -10.57
CA GLY A 135 -6.73 -6.52 -10.89
C GLY A 135 -5.54 -5.99 -11.67
N GLU A 136 -4.33 -6.40 -11.31
CA GLU A 136 -3.15 -5.90 -12.00
C GLU A 136 -3.06 -6.49 -13.39
N LYS A 137 -3.54 -7.72 -13.56
N LYS A 137 -3.54 -7.72 -13.56
CA LYS A 137 -3.62 -8.34 -14.89
CA LYS A 137 -3.62 -8.35 -14.89
C LYS A 137 -4.73 -7.70 -15.75
C LYS A 137 -4.73 -7.70 -15.75
N ALA A 138 -5.82 -7.30 -15.11
CA ALA A 138 -6.92 -6.68 -15.85
C ALA A 138 -6.47 -5.35 -16.34
N LEU A 139 -5.67 -4.68 -15.53
CA LEU A 139 -5.19 -3.33 -15.85
C LEU A 139 -4.20 -3.38 -16.97
N GLN A 140 -3.14 -4.16 -16.78
CA GLN A 140 -2.16 -4.40 -17.85
C GLN A 140 -2.73 -4.76 -19.23
N ASP A 141 -3.82 -5.55 -19.24
CA ASP A 141 -4.49 -5.95 -20.49
C ASP A 141 -5.43 -4.92 -21.11
N ASN A 142 -5.95 -4.00 -20.31
CA ASN A 142 -7.01 -3.08 -20.76
C ASN A 142 -6.59 -1.64 -20.96
N CYS A 143 -5.32 -1.35 -20.73
CA CYS A 143 -4.82 0.04 -20.67
C CYS A 143 -3.30 0.09 -20.67
N PRO A 144 -2.70 0.43 -21.80
CA PRO A 144 -1.24 0.45 -21.90
C PRO A 144 -0.58 1.61 -21.11
N LYS A 145 -1.29 2.71 -20.81
CA LYS A 145 -0.75 3.83 -19.97
C LYS A 145 -1.05 3.65 -18.45
N HIS A 146 -0.33 2.72 -17.82
CA HIS A 146 -0.44 2.37 -16.41
C HIS A 146 0.91 2.36 -15.72
N LEU A 147 0.79 2.56 -14.41
CA LEU A 147 1.88 2.49 -13.44
C LEU A 147 1.41 1.64 -12.31
N ILE A 148 1.93 0.41 -12.18
CA ILE A 148 1.55 -0.45 -11.03
C ILE A 148 2.67 -0.47 -10.04
N PHE A 149 2.35 -0.09 -8.81
CA PHE A 149 3.34 -0.12 -7.71
C PHE A 149 2.97 -1.18 -6.61
N ARG A 150 3.69 -2.32 -6.62
CA ARG A 150 3.51 -3.35 -5.59
C ARG A 150 4.26 -2.91 -4.35
N THR A 151 3.56 -2.92 -3.22
CA THR A 151 4.19 -2.46 -2.00
C THR A 151 3.91 -3.40 -0.80
N SER A 152 4.35 -3.04 0.39
CA SER A 152 4.25 -3.94 1.52
C SER A 152 4.19 -3.27 2.87
N TRP A 153 3.56 -3.93 3.83
CA TRP A 153 3.55 -3.51 5.26
C TRP A 153 3.34 -1.99 5.38
N VAL A 154 2.37 -1.46 4.66
CA VAL A 154 2.16 -0.03 4.49
C VAL A 154 1.54 0.54 5.78
N TYR A 155 2.08 1.65 6.34
CA TYR A 155 1.59 2.34 7.58
C TYR A 155 1.48 3.84 7.39
N ALA A 156 0.79 4.50 8.31
CA ALA A 156 0.63 5.96 8.40
C ALA A 156 0.38 6.29 9.90
N GLY A 157 0.73 7.52 10.27
CA GLY A 157 0.52 8.06 11.60
C GLY A 157 -0.95 8.48 11.84
N LYS A 158 -1.72 8.84 10.82
CA LYS A 158 -3.14 9.15 11.01
C LYS A 158 -3.76 7.76 11.15
N GLY A 159 -4.65 7.60 12.12
CA GLY A 159 -5.28 6.31 12.25
C GLY A 159 -4.48 5.14 12.84
N ASN A 160 -5.15 3.99 12.79
CA ASN A 160 -4.62 2.72 13.24
C ASN A 160 -3.45 2.28 12.42
N ASN A 161 -2.45 1.70 13.09
CA ASN A 161 -1.25 1.08 12.50
C ASN A 161 -0.63 0.10 13.51
N PHE A 162 0.32 -0.71 13.04
CA PHE A 162 1.09 -1.71 13.83
C PHE A 162 1.74 -1.14 15.09
N ALA A 163 2.64 -0.20 14.92
CA ALA A 163 3.28 0.48 16.04
C ALA A 163 2.29 0.87 17.15
N LYS A 164 1.21 1.49 16.71
CA LYS A 164 0.19 1.92 17.66
C LYS A 164 -0.35 0.74 18.44
N THR A 165 -0.92 -0.26 17.76
CA THR A 165 -1.60 -1.36 18.43
C THR A 165 -0.63 -2.05 19.40
N MET A 166 0.65 -2.11 19.02
CA MET A 166 1.71 -2.68 19.86
C MET A 166 2.03 -1.79 21.07
N LEU A 167 2.11 -0.49 20.89
CA LEU A 167 2.37 0.39 22.02
C LEU A 167 1.29 0.24 23.06
N ARG A 168 0.05 0.28 22.56
CA ARG A 168 -1.20 0.16 23.34
C ARG A 168 -1.19 -1.12 24.19
N LEU A 169 -0.61 -2.17 23.62
CA LEU A 169 -0.39 -3.42 24.31
C LEU A 169 0.71 -3.18 25.36
N ALA A 170 1.85 -2.64 24.93
CA ALA A 170 2.98 -2.33 25.79
C ALA A 170 2.68 -1.44 27.02
N LYS A 171 1.61 -0.62 26.96
CA LYS A 171 1.16 0.23 28.10
C LYS A 171 0.30 -0.64 29.07
N GLU A 172 -0.65 -1.35 28.48
CA GLU A 172 -1.59 -2.24 29.17
C GLU A 172 -0.93 -3.55 29.68
N ARG A 173 0.12 -4.04 29.00
CA ARG A 173 0.73 -5.36 29.31
C ARG A 173 2.21 -5.42 29.73
N GLN A 174 2.59 -6.59 30.22
CA GLN A 174 3.88 -6.84 30.89
C GLN A 174 4.90 -7.68 30.11
N THR A 175 4.44 -8.74 29.46
CA THR A 175 5.30 -9.58 28.63
C THR A 175 4.62 -9.75 27.30
N LEU A 176 5.26 -9.35 26.22
CA LEU A 176 4.66 -9.51 24.89
C LEU A 176 5.32 -10.59 24.04
N SER A 177 4.56 -11.10 23.06
CA SER A 177 5.01 -12.17 22.18
C SER A 177 4.62 -11.91 20.72
N VAL A 178 5.62 -11.70 19.85
CA VAL A 178 5.39 -11.31 18.43
C VAL A 178 6.35 -12.02 17.40
N ILE A 179 5.83 -12.26 16.18
CA ILE A 179 6.50 -13.04 15.13
C ILE A 179 7.90 -12.63 14.73
N ASN A 180 8.80 -13.59 14.50
CA ASN A 180 10.18 -13.29 14.06
C ASN A 180 10.57 -13.96 12.71
N ASP A 181 9.62 -14.57 12.02
CA ASP A 181 9.92 -15.28 10.79
C ASP A 181 9.28 -14.74 9.47
N GLN A 182 8.32 -13.84 9.56
CA GLN A 182 7.83 -13.19 8.35
C GLN A 182 8.78 -11.98 8.19
N TYR A 183 9.57 -11.97 7.13
CA TYR A 183 10.58 -10.93 6.81
C TYR A 183 10.02 -9.96 5.78
N GLY A 184 10.35 -8.66 5.88
CA GLY A 184 9.85 -7.61 4.97
C GLY A 184 10.40 -6.19 5.21
N ALA A 185 9.81 -5.21 4.55
CA ALA A 185 10.19 -3.79 4.67
C ALA A 185 9.01 -2.80 4.87
N PRO A 186 8.73 -2.36 6.10
CA PRO A 186 7.68 -1.37 6.39
C PRO A 186 7.75 -0.13 5.53
N THR A 187 6.69 0.15 4.80
CA THR A 187 6.65 1.30 3.90
C THR A 187 5.62 2.37 4.24
N GLY A 188 6.11 3.58 4.38
CA GLY A 188 5.24 4.68 4.75
C GLY A 188 4.35 5.19 3.65
N ALA A 189 3.16 5.54 3.98
CA ALA A 189 2.26 6.24 3.12
C ALA A 189 2.88 7.55 2.61
N GLU A 190 3.67 8.17 3.45
CA GLU A 190 4.33 9.42 3.06
C GLU A 190 5.16 9.08 1.89
N LEU A 191 6.10 8.13 2.03
CA LEU A 191 6.93 7.75 0.85
C LEU A 191 6.11 7.34 -0.40
N LEU A 192 5.06 6.47 -0.24
CA LEU A 192 4.36 5.99 -1.44
C LEU A 192 3.76 7.21 -2.20
N ALA A 193 3.14 8.14 -1.46
CA ALA A 193 2.49 9.32 -2.06
C ALA A 193 3.51 10.24 -2.68
N ASP A 194 4.59 10.45 -2.00
CA ASP A 194 5.59 11.35 -2.53
C ASP A 194 6.19 10.79 -3.80
N CYS A 195 6.58 9.52 -3.79
CA CYS A 195 7.09 8.92 -5.03
C CYS A 195 6.14 8.91 -6.16
N THR A 196 4.87 8.74 -5.88
CA THR A 196 3.84 8.72 -6.90
C THR A 196 3.77 10.06 -7.63
N ALA A 197 3.75 11.14 -6.88
CA ALA A 197 3.73 12.46 -7.46
C ALA A 197 4.86 12.65 -8.49
N HIS A 198 6.12 12.31 -8.15
CA HIS A 198 7.22 12.43 -9.09
C HIS A 198 7.11 11.41 -10.28
N ALA A 199 6.72 10.18 -10.01
CA ALA A 199 6.59 9.23 -11.13
C ALA A 199 5.58 9.67 -12.15
N ILE A 200 4.54 10.38 -11.74
CA ILE A 200 3.50 10.90 -12.64
C ILE A 200 4.11 11.94 -13.55
N ARG A 201 4.92 12.84 -13.01
CA ARG A 201 5.59 13.88 -13.81
C ARG A 201 6.59 13.36 -14.81
N VAL A 202 7.29 12.30 -14.47
CA VAL A 202 8.14 11.63 -15.43
C VAL A 202 7.28 10.93 -16.46
N ALA A 203 6.33 10.11 -16.02
CA ALA A 203 5.46 9.36 -16.97
C ALA A 203 4.92 10.24 -18.05
N LEU A 204 4.39 11.38 -17.65
CA LEU A 204 3.83 12.33 -18.63
C LEU A 204 4.78 12.75 -19.77
N ASN A 205 6.05 13.04 -19.46
CA ASN A 205 7.04 13.37 -20.49
C ASN A 205 7.66 12.12 -21.24
N LYS A 206 7.73 10.93 -20.61
CA LYS A 206 8.37 9.72 -21.10
C LYS A 206 7.40 8.55 -20.98
N PRO A 207 6.49 8.42 -21.90
CA PRO A 207 5.58 7.30 -21.90
C PRO A 207 6.26 5.91 -21.73
N GLU A 208 7.48 5.73 -22.25
CA GLU A 208 8.20 4.44 -22.19
C GLU A 208 8.26 3.76 -20.82
N VAL A 209 8.14 4.53 -19.71
CA VAL A 209 8.21 4.05 -18.31
C VAL A 209 6.96 3.37 -17.82
N ALA A 210 5.96 3.28 -18.66
CA ALA A 210 4.75 2.63 -18.23
C ALA A 210 5.08 1.19 -17.85
N GLY A 211 4.36 0.64 -16.89
CA GLY A 211 4.61 -0.72 -16.53
C GLY A 211 4.44 -0.99 -15.10
N LEU A 212 5.13 -2.01 -14.60
CA LEU A 212 4.97 -2.57 -13.25
C LEU A 212 6.24 -2.36 -12.44
N TYR A 213 6.07 -1.87 -11.19
CA TYR A 213 7.22 -1.56 -10.36
C TYR A 213 7.09 -2.04 -8.93
N HIS A 214 8.21 -2.49 -8.37
CA HIS A 214 8.31 -2.80 -6.92
C HIS A 214 8.74 -1.50 -6.14
N LEU A 215 8.00 -1.20 -5.09
CA LEU A 215 8.13 0.11 -4.44
C LEU A 215 7.94 0.03 -2.94
N VAL A 216 9.05 -0.03 -2.24
CA VAL A 216 9.04 -0.20 -0.82
C VAL A 216 10.30 0.45 -0.29
N ALA A 217 10.23 0.90 0.96
CA ALA A 217 11.39 1.46 1.67
C ALA A 217 12.53 0.45 1.61
N GLY A 218 13.75 0.93 1.70
CA GLY A 218 14.88 0.06 1.67
C GLY A 218 15.02 -0.71 2.96
N GLY A 219 15.93 -1.69 2.94
CA GLY A 219 16.16 -2.52 4.09
C GLY A 219 15.28 -3.72 4.23
N THR A 220 15.47 -4.39 5.36
CA THR A 220 14.75 -5.61 5.66
C THR A 220 14.71 -5.83 7.16
N THR A 221 13.56 -6.25 7.66
CA THR A 221 13.33 -6.52 9.09
C THR A 221 12.13 -7.45 9.30
N THR A 222 11.84 -7.77 10.57
CA THR A 222 10.75 -8.68 10.93
C THR A 222 9.82 -7.95 11.87
N TRP A 223 8.60 -8.44 12.05
CA TRP A 223 7.64 -7.81 12.95
C TRP A 223 8.23 -7.59 14.36
N HIS A 224 9.11 -8.49 14.79
CA HIS A 224 9.73 -8.47 16.13
C HIS A 224 10.70 -7.33 16.25
N ASP A 225 11.66 -7.33 15.33
CA ASP A 225 12.67 -6.28 15.20
C ASP A 225 11.97 -4.94 15.12
N TYR A 226 10.97 -4.84 14.24
CA TYR A 226 10.03 -3.73 14.15
C TYR A 226 9.48 -3.25 15.51
N ALA A 227 8.89 -4.15 16.29
CA ALA A 227 8.33 -3.77 17.58
C ALA A 227 9.44 -3.38 18.60
N ALA A 228 10.59 -4.02 18.49
CA ALA A 228 11.70 -3.65 19.35
C ALA A 228 12.01 -2.18 19.14
N LEU A 229 12.00 -1.74 17.87
CA LEU A 229 12.35 -0.36 17.55
C LEU A 229 11.26 0.61 18.02
N VAL A 230 9.99 0.19 17.92
CA VAL A 230 8.88 1.01 18.42
C VAL A 230 9.03 1.16 19.96
N PHE A 231 9.38 0.08 20.67
CA PHE A 231 9.59 0.19 22.12
C PHE A 231 10.82 1.00 22.46
N ASP A 232 11.88 0.78 21.71
CA ASP A 232 13.11 1.46 21.98
C ASP A 232 12.84 2.97 21.90
N GLU A 233 12.30 3.44 20.76
CA GLU A 233 11.98 4.89 20.57
C GLU A 233 10.98 5.43 21.58
N ALA A 234 9.95 4.65 21.92
CA ALA A 234 9.01 5.06 22.98
C ALA A 234 9.75 5.37 24.24
N ARG A 235 10.62 4.47 24.68
CA ARG A 235 11.36 4.71 25.89
C ARG A 235 12.20 5.98 25.75
N LYS A 236 13.03 6.02 24.73
CA LYS A 236 13.85 7.20 24.47
C LYS A 236 13.03 8.49 24.45
N ALA A 237 11.76 8.40 24.15
CA ALA A 237 10.90 9.59 24.14
C ALA A 237 10.33 9.88 25.51
N GLY A 238 10.53 8.98 26.45
CA GLY A 238 9.99 9.20 27.76
C GLY A 238 8.57 8.73 27.89
N ILE A 239 8.11 7.86 27.01
CA ILE A 239 6.82 7.25 27.27
C ILE A 239 7.12 6.20 28.34
N THR A 240 6.26 5.98 29.33
CA THR A 240 6.48 4.79 30.17
C THR A 240 5.71 3.64 29.61
N LEU A 241 6.28 2.45 29.83
CA LEU A 241 5.72 1.20 29.38
C LEU A 241 5.66 0.17 30.51
N ALA A 242 4.53 -0.50 30.64
CA ALA A 242 4.42 -1.62 31.57
C ALA A 242 5.15 -2.88 31.02
N LEU A 243 5.49 -2.92 29.73
CA LEU A 243 6.26 -4.04 29.11
C LEU A 243 7.67 -4.20 29.65
N THR A 244 8.09 -5.44 29.90
CA THR A 244 9.46 -5.70 30.34
C THR A 244 10.10 -6.94 29.66
N GLU A 245 9.31 -7.97 29.35
CA GLU A 245 9.80 -9.23 28.71
C GLU A 245 9.30 -9.39 27.23
N LEU A 246 10.13 -8.98 26.27
CA LEU A 246 9.84 -9.12 24.83
C LEU A 246 10.32 -10.42 24.17
N ASN A 247 9.36 -11.28 23.85
CA ASN A 247 9.64 -12.56 23.22
C ASN A 247 9.23 -12.76 21.74
N ALA A 248 10.19 -13.24 20.95
CA ALA A 248 10.05 -13.62 19.53
C ALA A 248 9.36 -14.99 19.38
N VAL A 249 8.64 -15.24 18.29
CA VAL A 249 7.85 -16.46 18.13
C VAL A 249 7.82 -16.93 16.65
N PRO A 250 7.50 -18.21 16.34
CA PRO A 250 7.14 -18.69 14.98
C PRO A 250 5.77 -18.23 14.41
N THR A 251 5.52 -18.41 13.11
CA THR A 251 4.23 -18.00 12.51
C THR A 251 3.16 -18.96 12.92
N SER A 252 3.52 -20.23 12.87
CA SER A 252 2.65 -21.35 13.24
C SER A 252 1.94 -21.17 14.56
N ALA A 253 2.65 -20.62 15.54
CA ALA A 253 2.08 -20.39 16.85
C ALA A 253 0.78 -19.55 16.79
N TYR A 254 0.67 -18.64 15.82
CA TYR A 254 -0.51 -17.76 15.70
C TYR A 254 -1.46 -18.16 14.57
N PRO A 255 -2.70 -18.47 14.91
CA PRO A 255 -3.71 -18.65 13.88
C PRO A 255 -3.88 -17.41 12.99
N THR A 256 -4.41 -17.64 11.78
CA THR A 256 -4.78 -16.60 10.83
C THR A 256 -5.45 -17.26 9.63
N PRO A 257 -6.70 -16.92 9.34
CA PRO A 257 -7.43 -17.45 8.19
C PRO A 257 -6.67 -17.45 6.89
N ALA A 258 -6.13 -16.33 6.51
CA ALA A 258 -5.40 -16.23 5.27
C ALA A 258 -3.92 -16.58 5.47
N SER A 259 -3.38 -17.39 4.57
CA SER A 259 -1.96 -17.72 4.61
C SER A 259 -1.08 -16.45 4.43
N ARG A 260 -0.38 -16.02 5.50
CA ARG A 260 0.59 -14.88 5.43
C ARG A 260 1.94 -15.39 4.85
N PRO A 261 2.63 -14.60 4.02
CA PRO A 261 3.89 -15.09 3.45
C PRO A 261 5.06 -14.95 4.39
N GLY A 262 6.07 -15.77 4.13
CA GLY A 262 7.30 -15.76 4.89
C GLY A 262 8.27 -14.72 4.31
N ASN A 263 8.36 -14.62 2.99
CA ASN A 263 9.36 -13.78 2.33
C ASN A 263 8.71 -12.67 1.52
N SER A 264 8.47 -11.56 2.21
CA SER A 264 7.92 -10.37 1.60
C SER A 264 8.99 -9.39 1.12
N ARG A 265 10.26 -9.79 1.01
CA ARG A 265 11.32 -8.91 0.48
C ARG A 265 11.17 -8.57 -1.00
N LEU A 266 11.11 -7.29 -1.36
CA LEU A 266 10.97 -6.88 -2.78
C LEU A 266 12.15 -6.10 -3.29
N ASN A 267 12.75 -6.53 -4.38
CA ASN A 267 13.81 -5.80 -5.04
C ASN A 267 13.23 -4.59 -5.80
N THR A 268 13.73 -3.38 -5.53
CA THR A 268 13.18 -2.20 -6.18
C THR A 268 14.13 -1.47 -7.14
N GLU A 269 15.12 -2.15 -7.72
CA GLU A 269 16.11 -1.47 -8.58
C GLU A 269 15.51 -0.81 -9.79
N LYS A 270 14.44 -1.42 -10.28
CA LYS A 270 13.74 -0.99 -11.49
C LYS A 270 13.23 0.46 -11.28
N PHE A 271 12.37 0.64 -10.29
CA PHE A 271 11.80 1.96 -10.00
C PHE A 271 12.85 3.04 -9.81
N GLN A 272 13.98 2.64 -9.24
CA GLN A 272 15.05 3.56 -8.94
C GLN A 272 15.71 4.15 -10.18
N ARG A 273 15.99 3.35 -11.18
CA ARG A 273 16.72 3.95 -12.30
C ARG A 273 15.74 4.50 -13.30
N ASN A 274 14.59 3.86 -13.35
CA ASN A 274 13.55 4.29 -14.25
C ASN A 274 13.00 5.68 -13.92
N PHE A 275 12.95 6.04 -12.66
CA PHE A 275 12.43 7.35 -12.20
C PHE A 275 13.49 8.23 -11.53
N ASP A 276 14.68 7.68 -11.33
CA ASP A 276 15.78 8.49 -10.82
C ASP A 276 15.51 8.98 -9.40
N LEU A 277 14.97 8.09 -8.57
CA LEU A 277 14.53 8.46 -7.26
C LEU A 277 15.17 7.57 -6.27
N ILE A 278 15.39 8.09 -5.08
CA ILE A 278 15.93 7.32 -3.94
C ILE A 278 14.79 6.70 -3.11
N LEU A 279 15.04 5.52 -2.53
CA LEU A 279 14.04 4.85 -1.67
C LEU A 279 14.70 4.67 -0.31
N PRO A 280 14.37 5.45 0.67
CA PRO A 280 15.06 5.36 1.97
C PRO A 280 14.76 4.21 2.94
N GLN A 281 15.72 3.86 3.77
CA GLN A 281 15.60 2.80 4.73
C GLN A 281 14.36 2.88 5.57
N TRP A 282 13.72 1.77 5.81
CA TRP A 282 12.45 1.84 6.47
C TRP A 282 12.44 2.56 7.80
N GLU A 283 13.56 2.58 8.46
CA GLU A 283 13.64 3.11 9.82
C GLU A 283 13.35 4.59 9.92
N LEU A 284 13.82 5.35 8.94
CA LEU A 284 13.51 6.82 8.89
C LEU A 284 12.08 7.12 8.93
N GLY A 285 11.35 6.55 7.96
CA GLY A 285 9.88 6.63 7.94
C GLY A 285 9.20 6.32 9.29
N VAL A 286 9.53 5.23 9.94
CA VAL A 286 8.88 4.84 11.18
C VAL A 286 9.19 5.80 12.34
N LYS A 287 10.45 6.25 12.43
CA LYS A 287 10.90 7.19 13.49
C LYS A 287 10.15 8.50 13.26
N ARG A 288 10.10 8.95 12.03
CA ARG A 288 9.35 10.13 11.78
C ARG A 288 7.89 9.93 12.29
N MET A 289 7.19 8.86 11.93
CA MET A 289 5.78 8.85 12.34
C MET A 289 5.65 8.69 13.86
N LEU A 290 6.51 7.89 14.46
CA LEU A 290 6.55 7.77 15.89
C LEU A 290 6.72 9.19 16.55
N THR A 291 7.64 9.99 16.02
CA THR A 291 7.88 11.34 16.59
C THR A 291 6.65 12.24 16.41
N GLU A 292 5.95 12.22 15.26
CA GLU A 292 4.65 12.94 15.13
C GLU A 292 3.58 12.38 16.10
N MET A 293 3.62 11.10 16.38
CA MET A 293 2.66 10.47 17.31
C MET A 293 2.87 10.84 18.75
N PHE A 294 4.13 10.95 19.15
CA PHE A 294 4.53 11.25 20.55
C PHE A 294 4.57 12.71 20.93
N THR A 295 4.64 13.58 19.94
CA THR A 295 4.64 15.00 20.14
C THR A 295 3.19 15.46 19.99
N THR A 296 2.35 14.98 20.89
CA THR A 296 0.94 15.36 20.87
C THR A 296 0.63 16.59 21.77
N THR A 297 0.56 17.76 21.13
CA THR A 297 0.10 18.97 21.79
C THR A 297 -1.16 19.53 21.07
N THR A 298 -2.09 20.04 21.90
CA THR A 298 -3.34 20.70 21.51
C THR A 298 -3.42 22.12 22.11
MG MG B . 2.21 15.05 7.30
S SO4 C . -9.79 9.25 10.18
O1 SO4 C . -9.26 8.38 11.26
O2 SO4 C . -9.07 8.98 8.90
O3 SO4 C . -11.23 8.92 10.15
O4 SO4 C . -9.67 10.68 10.50
PA NDP D . -6.49 1.45 3.34
O1A NDP D . -7.54 0.46 3.85
O2A NDP D . -6.13 2.54 4.25
O5B NDP D . -7.14 2.06 2.00
C5B NDP D . -8.02 1.48 1.05
C4B NDP D . -9.26 2.37 0.76
O4B NDP D . -10.34 1.63 0.14
C3B NDP D . -9.88 3.00 2.00
O3B NDP D . -10.33 4.32 1.78
C2B NDP D . -11.15 2.25 2.11
O2B NDP D . -11.96 2.88 3.09
C1B NDP D . -11.52 2.27 0.70
N9A NDP D . -12.65 1.48 0.52
C8A NDP D . -13.13 0.46 1.32
N7A NDP D . -14.23 -0.01 0.75
C5A NDP D . -14.43 0.68 -0.36
C6A NDP D . -15.42 0.59 -1.32
N6A NDP D . -16.47 -0.31 -1.26
N1A NDP D . -15.37 1.46 -2.40
C2A NDP D . -14.34 2.37 -2.49
N3A NDP D . -13.36 2.46 -1.53
C4A NDP D . -13.43 1.62 -0.51
O3 NDP D . -5.21 0.72 2.86
PN NDP D . -3.94 1.50 2.29
O1N NDP D . -4.21 2.94 1.87
O2N NDP D . -2.77 1.24 3.22
O5D NDP D . -3.56 0.59 1.04
C5D NDP D . -3.83 1.13 -0.28
C4D NDP D . -3.16 0.51 -1.48
O4D NDP D . -1.90 0.01 -1.07
C3D NDP D . -3.91 -0.67 -2.09
O3D NDP D . -3.43 -1.13 -3.32
C2D NDP D . -3.38 -1.65 -1.16
O2D NDP D . -3.63 -2.98 -1.42
C1D NDP D . -1.95 -1.32 -1.26
N1N NDP D . -1.36 -2.07 -0.11
C2N NDP D . -1.62 -1.97 1.34
C3N NDP D . -1.02 -2.75 2.34
C7N NDP D . -1.20 -2.75 3.85
O7N NDP D . -0.52 -3.49 4.57
N7N NDP D . -2.16 -1.99 4.47
C4N NDP D . -0.03 -3.84 1.98
C5N NDP D . 0.19 -3.98 0.48
C6N NDP D . -0.49 -3.09 -0.27
P2B NDP D . -12.49 2.26 4.54
O1X NDP D . -12.84 3.48 5.37
O2X NDP D . -11.35 1.46 5.16
O3X NDP D . -13.69 1.41 4.11
#